data_4HWH
#
_entry.id   4HWH
#
_cell.length_a   63.663
_cell.length_b   73.328
_cell.length_c   111.634
_cell.angle_alpha   90.00
_cell.angle_beta   90.00
_cell.angle_gamma   90.00
#
_symmetry.space_group_name_H-M   'P 21 21 21'
#
loop_
_entity.id
_entity.type
_entity.pdbx_description
1 polymer 'BAG family molecular chaperone regulator 4'
2 non-polymer 'MALONIC ACID'
3 non-polymer 'ACETATE ION'
4 non-polymer GLYCEROL
5 water water
#
_entity_poly.entity_id   1
_entity_poly.type   'polypeptide(L)'
_entity_poly.pdbx_seq_one_letter_code
;ALAIAAVNAVTGEVDKLSDRVVALEVAVNGGTQVAVREFDMAAELLMRQLLKLDGIEAEGDAKVQRKAEVRRIQNLQEAV
DKLKARCS
;
_entity_poly.pdbx_strand_id   A,B,C,D,E
#
loop_
_chem_comp.id
_chem_comp.type
_chem_comp.name
_chem_comp.formula
ACT non-polymer 'ACETATE ION' 'C2 H3 O2 -1'
GOL non-polymer GLYCEROL 'C3 H8 O3'
MLA non-polymer 'MALONIC ACID' 'C3 H4 O4'
#
# COMPACT_ATOMS: atom_id res chain seq x y z
N LEU A 2 5.91 -9.60 21.42
CA LEU A 2 4.63 -9.27 22.02
C LEU A 2 3.49 -9.78 21.15
N ALA A 3 2.37 -10.13 21.78
CA ALA A 3 1.22 -10.70 21.09
C ALA A 3 0.64 -9.73 20.06
N ILE A 4 0.50 -8.47 20.45
CA ILE A 4 -0.05 -7.44 19.56
C ILE A 4 0.63 -7.43 18.20
N ALA A 5 1.96 -7.36 18.22
CA ALA A 5 2.74 -7.34 16.99
C ALA A 5 2.47 -8.61 16.18
N ALA A 6 2.41 -9.74 16.85
CA ALA A 6 2.20 -11.03 16.19
C ALA A 6 0.85 -11.08 15.50
N VAL A 7 -0.19 -10.57 16.16
CA VAL A 7 -1.52 -10.56 15.56
C VAL A 7 -1.55 -9.61 14.37
N ASN A 8 -0.94 -8.44 14.54
CA ASN A 8 -0.83 -7.47 13.46
C ASN A 8 -0.11 -8.06 12.25
N ALA A 9 0.92 -8.86 12.52
CA ALA A 9 1.66 -9.54 11.46
C ALA A 9 0.75 -10.48 10.68
N VAL A 10 -0.07 -11.22 11.39
CA VAL A 10 -1.02 -12.12 10.74
C VAL A 10 -2.03 -11.31 9.93
N THR A 11 -2.56 -10.25 10.53
CA THR A 11 -3.54 -9.40 9.85
C THR A 11 -3.01 -8.91 8.51
N GLY A 12 -1.75 -8.49 8.48
CA GLY A 12 -1.15 -8.03 7.25
C GLY A 12 -1.12 -9.11 6.19
N GLU A 13 -0.89 -10.35 6.62
CA GLU A 13 -0.82 -11.46 5.69
C GLU A 13 -2.22 -11.83 5.21
N VAL A 14 -3.17 -11.81 6.12
CA VAL A 14 -4.55 -12.10 5.76
C VAL A 14 -5.11 -11.04 4.80
N ASP A 15 -4.67 -9.79 4.98
CA ASP A 15 -5.04 -8.73 4.04
C ASP A 15 -4.60 -9.10 2.62
N LYS A 16 -3.36 -9.54 2.50
CA LYS A 16 -2.84 -9.95 1.19
C LYS A 16 -3.67 -11.09 0.63
N LEU A 17 -4.00 -12.06 1.47
CA LEU A 17 -4.80 -13.19 1.04
C LEU A 17 -6.22 -12.75 0.66
N SER A 18 -6.76 -11.81 1.41
CA SER A 18 -8.10 -11.30 1.11
C SER A 18 -8.12 -10.68 -0.29
N ASP A 19 -7.10 -9.89 -0.62
CA ASP A 19 -6.99 -9.31 -1.95
C ASP A 19 -6.86 -10.39 -3.02
N ARG A 20 -6.09 -11.42 -2.72
CA ARG A 20 -5.89 -12.51 -3.68
C ARG A 20 -7.20 -13.25 -3.97
N VAL A 21 -8.00 -13.47 -2.92
CA VAL A 21 -9.26 -14.16 -3.09
C VAL A 21 -10.19 -13.36 -4.02
N VAL A 22 -10.22 -12.04 -3.84
CA VAL A 22 -11.04 -11.22 -4.72
C VAL A 22 -10.53 -11.31 -6.15
N ALA A 23 -9.20 -11.28 -6.32
CA ALA A 23 -8.61 -11.42 -7.65
C ALA A 23 -9.02 -12.74 -8.31
N LEU A 24 -9.04 -13.82 -7.53
CA LEU A 24 -9.46 -15.10 -8.09
C LEU A 24 -10.94 -15.05 -8.48
N GLU A 25 -11.76 -14.43 -7.64
CA GLU A 25 -13.18 -14.32 -7.96
C GLU A 25 -13.41 -13.54 -9.24
N VAL A 26 -12.65 -12.45 -9.40
CA VAL A 26 -12.75 -11.61 -10.58
C VAL A 26 -12.35 -12.39 -11.82
N ALA A 27 -11.26 -13.17 -11.72
CA ALA A 27 -10.81 -13.98 -12.84
C ALA A 27 -11.92 -14.95 -13.28
N VAL A 28 -12.50 -15.66 -12.32
CA VAL A 28 -13.60 -16.57 -12.60
C VAL A 28 -14.80 -15.85 -13.21
N ASN A 29 -15.14 -14.70 -12.63
CA ASN A 29 -16.28 -13.93 -13.12
C ASN A 29 -16.10 -13.51 -14.57
N GLY A 30 -14.86 -13.17 -14.93
CA GLY A 30 -14.54 -12.76 -16.28
C GLY A 30 -14.38 -13.92 -17.26
N GLY A 31 -14.61 -15.14 -16.77
CA GLY A 31 -14.63 -16.31 -17.63
C GLY A 31 -13.30 -17.02 -17.81
N THR A 32 -12.31 -16.69 -16.98
CA THR A 32 -11.01 -17.36 -17.05
C THR A 32 -11.03 -18.69 -16.30
N GLN A 33 -10.38 -19.71 -16.87
CA GLN A 33 -10.28 -21.00 -16.23
C GLN A 33 -9.15 -21.01 -15.22
N VAL A 34 -9.50 -20.88 -13.94
CA VAL A 34 -8.52 -20.79 -12.87
C VAL A 34 -8.07 -22.18 -12.41
N ALA A 35 -6.76 -22.39 -12.39
CA ALA A 35 -6.19 -23.66 -11.95
C ALA A 35 -6.60 -23.99 -10.52
N VAL A 36 -6.91 -25.26 -10.27
CA VAL A 36 -7.33 -25.68 -8.94
C VAL A 36 -6.30 -25.32 -7.86
N ARG A 37 -5.02 -25.32 -8.21
CA ARG A 37 -3.97 -25.04 -7.23
C ARG A 37 -4.08 -23.62 -6.65
N GLU A 38 -4.67 -22.69 -7.42
CA GLU A 38 -4.85 -21.33 -6.91
C GLU A 38 -5.75 -21.35 -5.69
N PHE A 39 -6.87 -22.06 -5.80
CA PHE A 39 -7.82 -22.14 -4.69
C PHE A 39 -7.21 -22.89 -3.52
N ASP A 40 -6.50 -23.97 -3.82
CA ASP A 40 -5.92 -24.80 -2.78
C ASP A 40 -4.76 -24.09 -2.06
N MET A 41 -3.94 -23.38 -2.81
CA MET A 41 -2.87 -22.60 -2.19
C MET A 41 -3.44 -21.50 -1.30
N ALA A 42 -4.49 -20.82 -1.76
CA ALA A 42 -5.11 -19.78 -0.95
C ALA A 42 -5.66 -20.39 0.34
N ALA A 43 -6.30 -21.54 0.22
CA ALA A 43 -6.85 -22.21 1.40
C ALA A 43 -5.73 -22.62 2.34
N GLU A 44 -4.65 -23.17 1.78
CA GLU A 44 -3.51 -23.60 2.58
C GLU A 44 -2.87 -22.43 3.33
N LEU A 45 -2.71 -21.29 2.65
CA LEU A 45 -2.04 -20.17 3.27
C LEU A 45 -2.90 -19.56 4.38
N LEU A 46 -4.22 -19.61 4.18
CA LEU A 46 -5.14 -19.18 5.23
C LEU A 46 -5.02 -20.09 6.45
N MET A 47 -4.90 -21.39 6.22
CA MET A 47 -4.74 -22.34 7.32
C MET A 47 -3.44 -22.10 8.10
N ARG A 48 -2.39 -21.72 7.38
CA ARG A 48 -1.11 -21.42 8.03
C ARG A 48 -1.24 -20.20 8.94
N GLN A 49 -2.03 -19.22 8.50
CA GLN A 49 -2.25 -18.03 9.33
C GLN A 49 -3.07 -18.40 10.56
N LEU A 50 -3.98 -19.34 10.41
CA LEU A 50 -4.79 -19.81 11.54
C LEU A 50 -3.88 -20.49 12.58
N LEU A 51 -2.94 -21.28 12.10
CA LEU A 51 -1.99 -21.95 12.99
C LEU A 51 -1.15 -20.93 13.75
N LYS A 52 -0.74 -19.89 13.05
CA LYS A 52 0.04 -18.82 13.67
C LYS A 52 -0.74 -18.19 14.81
N LEU A 53 -2.00 -17.85 14.55
CA LEU A 53 -2.87 -17.30 15.59
C LEU A 53 -3.03 -18.26 16.76
N ASP A 54 -3.15 -19.55 16.46
CA ASP A 54 -3.31 -20.58 17.50
C ASP A 54 -2.17 -20.54 18.50
N GLY A 55 -0.98 -20.19 18.03
CA GLY A 55 0.21 -20.18 18.87
C GLY A 55 0.46 -18.87 19.58
N ILE A 56 -0.37 -17.88 19.31
CA ILE A 56 -0.24 -16.58 19.97
C ILE A 56 -0.98 -16.55 21.29
N GLU A 57 -0.21 -16.48 22.38
CA GLU A 57 -0.79 -16.40 23.71
C GLU A 57 -1.09 -14.94 24.04
N ALA A 58 -2.35 -14.54 23.85
CA ALA A 58 -2.76 -13.16 24.05
C ALA A 58 -3.79 -12.95 25.16
N ALA A 62 -5.52 -7.94 22.76
CA ALA A 62 -4.79 -8.84 21.88
C ALA A 62 -5.63 -10.08 21.57
N LYS A 63 -6.26 -10.63 22.60
CA LYS A 63 -7.11 -11.80 22.43
C LYS A 63 -8.35 -11.45 21.61
N VAL A 64 -8.83 -10.22 21.76
CA VAL A 64 -10.00 -9.77 21.00
C VAL A 64 -9.70 -9.70 19.50
N GLN A 65 -8.63 -9.02 19.14
CA GLN A 65 -8.26 -8.91 17.73
C GLN A 65 -7.83 -10.26 17.16
N ARG A 66 -7.24 -11.10 18.01
CA ARG A 66 -6.87 -12.45 17.58
C ARG A 66 -8.12 -13.21 17.15
N LYS A 67 -9.14 -13.18 18.01
CA LYS A 67 -10.39 -13.85 17.74
C LYS A 67 -11.07 -13.25 16.51
N ALA A 68 -10.94 -11.94 16.35
CA ALA A 68 -11.48 -11.26 15.19
C ALA A 68 -10.84 -11.78 13.90
N GLU A 69 -9.52 -11.97 13.95
CA GLU A 69 -8.79 -12.42 12.77
C GLU A 69 -9.13 -13.87 12.44
N VAL A 70 -9.39 -14.67 13.47
CA VAL A 70 -9.79 -16.05 13.25
C VAL A 70 -11.09 -16.08 12.45
N ARG A 71 -12.03 -15.23 12.82
CA ARG A 71 -13.32 -15.16 12.13
C ARG A 71 -13.17 -14.70 10.69
N ARG A 72 -12.28 -13.73 10.48
CA ARG A 72 -12.04 -13.20 9.14
C ARG A 72 -11.52 -14.33 8.26
N ILE A 73 -10.61 -15.12 8.82
CA ILE A 73 -10.04 -16.25 8.07
C ILE A 73 -11.11 -17.28 7.71
N GLN A 74 -11.95 -17.63 8.69
CA GLN A 74 -13.03 -18.58 8.43
C GLN A 74 -13.94 -18.09 7.29
N ASN A 75 -14.20 -16.79 7.26
CA ASN A 75 -15.01 -16.21 6.19
C ASN A 75 -14.33 -16.33 4.82
N LEU A 76 -13.03 -16.05 4.78
CA LEU A 76 -12.27 -16.21 3.55
C LEU A 76 -12.23 -17.67 3.09
N GLN A 77 -12.09 -18.58 4.05
CA GLN A 77 -12.06 -20.00 3.72
C GLN A 77 -13.35 -20.41 3.02
N GLU A 78 -14.47 -19.92 3.54
CA GLU A 78 -15.77 -20.21 2.94
C GLU A 78 -15.85 -19.64 1.53
N ALA A 79 -15.37 -18.42 1.35
CA ALA A 79 -15.37 -17.80 0.03
C ALA A 79 -14.54 -18.60 -0.97
N VAL A 80 -13.39 -19.11 -0.52
CA VAL A 80 -12.54 -19.92 -1.39
C VAL A 80 -13.21 -21.24 -1.76
N ASP A 81 -13.81 -21.89 -0.76
CA ASP A 81 -14.55 -23.13 -1.01
C ASP A 81 -15.60 -22.91 -2.10
N LYS A 82 -16.32 -21.81 -1.98
CA LYS A 82 -17.39 -21.49 -2.92
C LYS A 82 -16.84 -21.32 -4.34
N LEU A 83 -15.75 -20.57 -4.47
CA LEU A 83 -15.09 -20.41 -5.75
C LEU A 83 -14.66 -21.74 -6.34
N LYS A 84 -13.99 -22.56 -5.52
CA LYS A 84 -13.52 -23.85 -5.98
C LYS A 84 -14.70 -24.69 -6.46
N ALA A 85 -15.76 -24.72 -5.66
CA ALA A 85 -16.96 -25.47 -6.02
C ALA A 85 -17.54 -24.97 -7.34
N ARG A 86 -17.60 -23.64 -7.48
CA ARG A 86 -18.11 -23.03 -8.70
C ARG A 86 -17.34 -23.47 -9.94
N CYS A 87 -16.03 -23.71 -9.76
CA CYS A 87 -15.17 -24.07 -10.87
C CYS A 87 -15.00 -25.58 -11.00
N SER A 88 -15.67 -26.33 -10.12
CA SER A 88 -15.64 -27.78 -10.20
C SER A 88 -16.75 -28.26 -11.13
N ALA B 3 -26.09 16.07 14.63
CA ALA B 3 -25.91 16.49 13.25
C ALA B 3 -24.93 15.58 12.51
N ILE B 4 -25.38 15.04 11.39
CA ILE B 4 -24.52 14.24 10.54
C ILE B 4 -23.45 15.15 9.96
N ALA B 5 -23.82 16.41 9.77
CA ALA B 5 -22.92 17.41 9.20
C ALA B 5 -21.76 17.68 10.16
N ALA B 6 -22.05 17.69 11.45
CA ALA B 6 -21.03 17.95 12.46
C ALA B 6 -19.92 16.89 12.40
N VAL B 7 -20.32 15.63 12.35
CA VAL B 7 -19.36 14.54 12.20
C VAL B 7 -18.63 14.66 10.88
N ASN B 8 -19.37 14.96 9.82
CA ASN B 8 -18.81 15.15 8.49
C ASN B 8 -17.76 16.25 8.48
N ALA B 9 -18.00 17.30 9.27
CA ALA B 9 -17.04 18.39 9.40
C ALA B 9 -15.73 17.84 9.94
N VAL B 10 -15.82 17.11 11.05
CA VAL B 10 -14.64 16.49 11.64
C VAL B 10 -13.93 15.57 10.64
N THR B 11 -14.71 14.75 9.93
CA THR B 11 -14.15 13.84 8.94
C THR B 11 -13.30 14.60 7.92
N GLY B 12 -13.79 15.75 7.50
CA GLY B 12 -13.06 16.60 6.57
C GLY B 12 -11.75 17.08 7.16
N GLU B 13 -11.77 17.45 8.44
CA GLU B 13 -10.58 17.95 9.11
C GLU B 13 -9.58 16.83 9.37
N VAL B 14 -10.09 15.63 9.65
CA VAL B 14 -9.23 14.48 9.86
C VAL B 14 -8.56 14.06 8.55
N ASP B 15 -9.27 14.20 7.44
CA ASP B 15 -8.67 14.00 6.12
C ASP B 15 -7.39 14.84 5.99
N LYS B 16 -7.49 16.10 6.41
CA LYS B 16 -6.36 17.03 6.32
C LYS B 16 -5.22 16.66 7.25
N LEU B 17 -5.56 16.32 8.49
CA LEU B 17 -4.57 15.90 9.47
C LEU B 17 -3.91 14.58 9.06
N SER B 18 -4.65 13.77 8.32
CA SER B 18 -4.11 12.52 7.80
C SER B 18 -2.98 12.81 6.82
N ASP B 19 -3.18 13.82 5.99
CA ASP B 19 -2.14 14.22 5.04
C ASP B 19 -0.90 14.71 5.78
N ARG B 20 -1.11 15.44 6.87
CA ARG B 20 0.02 15.95 7.66
C ARG B 20 0.80 14.80 8.31
N VAL B 21 0.08 13.82 8.84
CA VAL B 21 0.74 12.70 9.50
C VAL B 21 1.54 11.85 8.52
N VAL B 22 0.97 11.58 7.35
CA VAL B 22 1.68 10.83 6.34
C VAL B 22 2.95 11.57 5.92
N ALA B 23 2.86 12.89 5.80
CA ALA B 23 4.02 13.71 5.45
C ALA B 23 5.13 13.55 6.50
N LEU B 24 4.74 13.57 7.77
CA LEU B 24 5.70 13.36 8.86
C LEU B 24 6.30 11.96 8.82
N GLU B 25 5.47 10.96 8.55
CA GLU B 25 5.94 9.59 8.37
C GLU B 25 6.98 9.53 7.26
N VAL B 26 6.68 10.18 6.15
CA VAL B 26 7.58 10.17 5.01
C VAL B 26 8.94 10.79 5.35
N ALA B 27 8.91 11.92 6.05
CA ALA B 27 10.13 12.63 6.42
C ALA B 27 10.99 11.77 7.35
N VAL B 28 10.36 11.19 8.36
CA VAL B 28 11.07 10.35 9.32
C VAL B 28 11.68 9.12 8.65
N ASN B 29 10.86 8.37 7.91
CA ASN B 29 11.32 7.18 7.22
C ASN B 29 12.29 7.49 6.10
N GLY B 30 12.37 8.77 5.73
CA GLY B 30 13.28 9.23 4.71
C GLY B 30 14.62 9.65 5.30
N GLY B 31 14.73 9.57 6.62
CA GLY B 31 15.96 9.88 7.31
C GLY B 31 16.09 11.36 7.65
N THR B 32 14.98 12.07 7.62
CA THR B 32 14.96 13.49 7.97
C THR B 32 14.69 13.69 9.46
N GLN B 33 15.49 14.54 10.10
CA GLN B 33 15.28 14.86 11.50
C GLN B 33 14.17 15.90 11.64
N VAL B 34 13.01 15.45 12.09
CA VAL B 34 11.87 16.34 12.26
C VAL B 34 11.85 16.89 13.67
N ALA B 35 11.61 18.19 13.79
CA ALA B 35 11.53 18.84 15.10
C ALA B 35 10.42 18.20 15.93
N VAL B 36 10.73 17.89 17.18
CA VAL B 36 9.79 17.18 18.04
C VAL B 36 8.46 17.91 18.17
N ARG B 37 8.50 19.24 18.16
CA ARG B 37 7.28 20.01 18.35
C ARG B 37 6.28 19.75 17.22
N GLU B 38 6.78 19.35 16.06
CA GLU B 38 5.90 19.05 14.94
C GLU B 38 5.05 17.80 15.17
N PHE B 39 5.62 16.81 15.85
CA PHE B 39 4.85 15.62 16.21
C PHE B 39 3.79 15.96 17.24
N ASP B 40 4.17 16.76 18.22
CA ASP B 40 3.25 17.11 19.30
C ASP B 40 2.11 18.00 18.77
N MET B 41 2.41 18.85 17.81
CA MET B 41 1.38 19.68 17.21
C MET B 41 0.38 18.82 16.45
N ALA B 42 0.88 17.87 15.67
CA ALA B 42 0.01 16.93 14.97
C ALA B 42 -0.86 16.15 15.95
N ALA B 43 -0.24 15.66 17.02
CA ALA B 43 -0.97 14.89 18.03
C ALA B 43 -2.03 15.74 18.73
N GLU B 44 -1.67 16.99 19.01
CA GLU B 44 -2.60 17.91 19.68
C GLU B 44 -3.78 18.26 18.78
N LEU B 45 -3.52 18.48 17.49
CA LEU B 45 -4.58 18.82 16.55
C LEU B 45 -5.55 17.65 16.43
N LEU B 46 -5.02 16.44 16.55
CA LEU B 46 -5.87 15.26 16.56
C LEU B 46 -6.73 15.23 17.82
N MET B 47 -6.15 15.62 18.95
CA MET B 47 -6.88 15.69 20.20
C MET B 47 -8.04 16.67 20.11
N ARG B 48 -7.83 17.80 19.44
CA ARG B 48 -8.90 18.80 19.30
C ARG B 48 -10.10 18.22 18.55
N GLN B 49 -9.81 17.41 17.52
CA GLN B 49 -10.87 16.78 16.74
C GLN B 49 -11.60 15.74 17.57
N LEU B 50 -10.86 15.08 18.44
CA LEU B 50 -11.44 14.11 19.38
C LEU B 50 -12.39 14.84 20.33
N LEU B 51 -11.92 15.95 20.88
CA LEU B 51 -12.73 16.79 21.77
C LEU B 51 -13.99 17.30 21.09
N LYS B 52 -13.86 17.67 19.82
CA LYS B 52 -14.98 18.17 19.03
C LYS B 52 -16.02 17.07 18.84
N LEU B 53 -15.56 15.85 18.58
CA LEU B 53 -16.46 14.71 18.43
C LEU B 53 -17.19 14.42 19.74
N ASP B 54 -16.45 14.50 20.86
CA ASP B 54 -17.04 14.24 22.17
C ASP B 54 -18.16 15.23 22.49
N GLY B 55 -18.08 16.42 21.91
CA GLY B 55 -19.04 17.48 22.23
C GLY B 55 -20.32 17.41 21.42
N ILE B 56 -20.32 16.60 20.37
CA ILE B 56 -21.47 16.49 19.48
C ILE B 56 -22.52 15.53 20.05
N GLU B 57 -23.79 15.95 19.98
CA GLU B 57 -24.89 15.08 20.37
C GLU B 57 -25.13 14.04 19.28
N ALA B 58 -24.56 12.85 19.46
CA ALA B 58 -24.62 11.81 18.45
C ALA B 58 -25.87 10.93 18.62
N GLU B 59 -26.64 10.82 17.54
CA GLU B 59 -27.87 10.06 17.55
C GLU B 59 -28.06 9.26 16.26
N GLY B 60 -28.34 7.97 16.39
CA GLY B 60 -28.56 7.13 15.23
C GLY B 60 -27.32 6.94 14.38
N ASP B 61 -27.43 7.29 13.09
CA ASP B 61 -26.34 7.10 12.15
C ASP B 61 -25.10 7.93 12.50
N ALA B 62 -25.32 9.08 13.11
CA ALA B 62 -24.21 9.96 13.47
C ALA B 62 -23.32 9.29 14.51
N LYS B 63 -23.92 8.45 15.34
CA LYS B 63 -23.18 7.73 16.37
C LYS B 63 -22.23 6.73 15.73
N VAL B 64 -22.72 6.00 14.73
CA VAL B 64 -21.90 5.04 14.01
C VAL B 64 -20.74 5.71 13.29
N GLN B 65 -21.04 6.82 12.62
CA GLN B 65 -20.03 7.58 11.89
C GLN B 65 -19.00 8.21 12.82
N ARG B 66 -19.44 8.60 14.01
CA ARG B 66 -18.54 9.19 15.00
C ARG B 66 -17.51 8.16 15.47
N LYS B 67 -17.96 6.94 15.70
CA LYS B 67 -17.09 5.88 16.18
C LYS B 67 -15.98 5.55 15.19
N ALA B 68 -16.35 5.45 13.92
CA ALA B 68 -15.37 5.15 12.87
C ALA B 68 -14.34 6.27 12.79
N GLU B 69 -14.80 7.51 12.95
CA GLU B 69 -13.90 8.65 12.87
C GLU B 69 -12.98 8.68 14.09
N VAL B 70 -13.50 8.25 15.24
CA VAL B 70 -12.67 8.14 16.44
C VAL B 70 -11.56 7.11 16.25
N ARG B 71 -11.91 5.96 15.69
CA ARG B 71 -10.94 4.90 15.45
C ARG B 71 -9.85 5.39 14.49
N ARG B 72 -10.26 6.13 13.48
CA ARG B 72 -9.34 6.69 12.50
C ARG B 72 -8.35 7.64 13.18
N ILE B 73 -8.87 8.49 14.05
CA ILE B 73 -8.03 9.42 14.80
C ILE B 73 -7.03 8.69 15.71
N GLN B 74 -7.50 7.62 16.33
CA GLN B 74 -6.64 6.83 17.21
C GLN B 74 -5.50 6.18 16.45
N ASN B 75 -5.79 5.66 15.27
CA ASN B 75 -4.73 5.11 14.44
C ASN B 75 -3.67 6.15 14.11
N LEU B 76 -4.13 7.36 13.76
CA LEU B 76 -3.22 8.45 13.44
C LEU B 76 -2.38 8.87 14.65
N GLN B 77 -3.01 8.92 15.82
CA GLN B 77 -2.31 9.24 17.06
C GLN B 77 -1.21 8.22 17.32
N GLU B 78 -1.52 6.95 17.10
CA GLU B 78 -0.55 5.88 17.31
C GLU B 78 0.62 6.03 16.35
N ALA B 79 0.33 6.34 15.10
CA ALA B 79 1.37 6.54 14.10
C ALA B 79 2.31 7.66 14.53
N VAL B 80 1.73 8.76 15.03
CA VAL B 80 2.51 9.90 15.46
C VAL B 80 3.38 9.56 16.68
N ASP B 81 2.78 8.86 17.64
CA ASP B 81 3.50 8.42 18.83
C ASP B 81 4.75 7.62 18.47
N LYS B 82 4.60 6.74 17.49
CA LYS B 82 5.71 5.90 17.06
C LYS B 82 6.82 6.70 16.39
N LEU B 83 6.43 7.71 15.61
CA LEU B 83 7.42 8.55 14.95
C LEU B 83 8.23 9.33 15.98
N LYS B 84 7.53 9.88 16.97
CA LYS B 84 8.17 10.69 17.99
C LYS B 84 9.17 9.87 18.80
N ALA B 85 8.77 8.66 19.17
CA ALA B 85 9.62 7.75 19.91
C ALA B 85 10.89 7.42 19.15
N ARG B 86 10.75 7.16 17.85
CA ARG B 86 11.89 6.80 17.02
C ARG B 86 12.89 7.95 16.88
N CYS B 87 12.42 9.17 17.11
CA CYS B 87 13.25 10.35 16.97
C CYS B 87 13.77 10.85 18.32
N SER B 88 13.25 10.26 19.40
CA SER B 88 13.64 10.66 20.74
C SER B 88 14.45 9.57 21.43
N ALA C 1 23.16 12.43 -32.47
CA ALA C 1 23.00 13.83 -32.09
C ALA C 1 23.91 14.21 -30.93
N LEU C 2 23.96 15.49 -30.63
CA LEU C 2 24.72 16.00 -29.49
C LEU C 2 23.76 16.76 -28.57
N ALA C 3 22.59 17.08 -29.11
CA ALA C 3 21.56 17.79 -28.36
C ALA C 3 20.92 16.85 -27.34
N ILE C 4 20.78 15.59 -27.72
CA ILE C 4 20.23 14.58 -26.80
C ILE C 4 21.08 14.54 -25.53
N ALA C 5 22.40 14.67 -25.70
CA ALA C 5 23.31 14.70 -24.57
C ALA C 5 23.09 15.95 -23.71
N ALA C 6 22.76 17.06 -24.37
CA ALA C 6 22.52 18.31 -23.66
C ALA C 6 21.18 18.27 -22.93
N VAL C 7 20.18 17.67 -23.56
CA VAL C 7 18.88 17.51 -22.93
C VAL C 7 19.03 16.59 -21.71
N ASN C 8 19.75 15.49 -21.91
CA ASN C 8 20.02 14.54 -20.83
C ASN C 8 20.74 15.21 -19.66
N ALA C 9 21.66 16.10 -19.98
CA ALA C 9 22.39 16.84 -18.95
C ALA C 9 21.43 17.65 -18.10
N VAL C 10 20.50 18.34 -18.76
CA VAL C 10 19.49 19.11 -18.04
C VAL C 10 18.61 18.19 -17.21
N THR C 11 18.15 17.09 -17.81
CA THR C 11 17.28 16.16 -17.11
C THR C 11 17.92 15.68 -15.82
N GLY C 12 19.22 15.39 -15.88
CA GLY C 12 19.96 14.98 -14.70
C GLY C 12 19.91 16.02 -13.59
N GLU C 13 20.05 17.28 -13.98
CA GLU C 13 19.94 18.39 -13.02
C GLU C 13 18.53 18.58 -12.52
N VAL C 14 17.55 18.52 -13.43
CA VAL C 14 16.15 18.65 -13.06
C VAL C 14 15.74 17.53 -12.10
N ASP C 15 16.31 16.35 -12.28
CA ASP C 15 16.05 15.22 -11.38
C ASP C 15 16.31 15.64 -9.94
N LYS C 16 17.45 16.28 -9.71
CA LYS C 16 17.84 16.75 -8.38
C LYS C 16 16.89 17.83 -7.88
N LEU C 17 16.49 18.72 -8.77
CA LEU C 17 15.58 19.80 -8.40
C LEU C 17 14.20 19.24 -8.08
N SER C 18 13.80 18.22 -8.82
CA SER C 18 12.55 17.52 -8.55
C SER C 18 12.56 16.91 -7.15
N ASP C 19 13.67 16.28 -6.77
CA ASP C 19 13.82 15.75 -5.42
C ASP C 19 13.68 16.86 -4.39
N ARG C 20 14.30 18.00 -4.69
CA ARG C 20 14.26 19.17 -3.84
C ARG C 20 12.82 19.63 -3.62
N VAL C 21 12.04 19.70 -4.69
CA VAL C 21 10.66 20.16 -4.58
C VAL C 21 9.79 19.17 -3.82
N VAL C 22 9.98 17.88 -4.08
CA VAL C 22 9.26 16.87 -3.32
C VAL C 22 9.57 17.00 -1.83
N ALA C 23 10.84 17.21 -1.50
CA ALA C 23 11.23 17.35 -0.09
C ALA C 23 10.60 18.60 0.54
N LEU C 24 10.52 19.69 -0.23
CA LEU C 24 9.88 20.90 0.25
C LEU C 24 8.40 20.65 0.53
N GLU C 25 7.74 19.93 -0.37
CA GLU C 25 6.33 19.66 -0.17
C GLU C 25 6.08 18.81 1.07
N VAL C 26 6.95 17.82 1.29
CA VAL C 26 6.83 16.96 2.45
C VAL C 26 6.99 17.79 3.73
N ALA C 27 7.93 18.74 3.71
CA ALA C 27 8.16 19.62 4.84
C ALA C 27 6.92 20.47 5.13
N VAL C 28 6.42 21.14 4.10
CA VAL C 28 5.24 21.99 4.24
C VAL C 28 4.04 21.19 4.72
N ASN C 29 3.83 20.03 4.11
CA ASN C 29 2.69 19.18 4.48
C ASN C 29 2.75 18.68 5.92
N GLY C 30 3.96 18.49 6.43
CA GLY C 30 4.14 17.97 7.78
C GLY C 30 3.97 19.05 8.84
N GLY C 31 3.97 20.31 8.40
CA GLY C 31 3.74 21.41 9.32
C GLY C 31 4.96 22.28 9.53
N THR C 32 5.96 22.14 8.67
CA THR C 32 7.14 22.98 8.76
C THR C 32 6.91 24.34 8.08
N GLN C 33 7.22 25.41 8.78
CA GLN C 33 7.12 26.75 8.21
C GLN C 33 8.39 27.07 7.44
N VAL C 34 8.43 26.69 6.17
CA VAL C 34 9.62 26.84 5.34
C VAL C 34 9.87 28.30 4.94
N ALA C 35 11.12 28.73 5.05
CA ALA C 35 11.49 30.11 4.71
C ALA C 35 11.25 30.39 3.23
N VAL C 36 10.69 31.56 2.93
CA VAL C 36 10.36 31.92 1.56
C VAL C 36 11.56 31.79 0.62
N ARG C 37 12.75 32.10 1.12
CA ARG C 37 13.95 32.04 0.30
C ARG C 37 14.19 30.64 -0.26
N GLU C 38 13.78 29.61 0.48
CA GLU C 38 13.91 28.25 -0.01
C GLU C 38 13.15 28.05 -1.32
N PHE C 39 11.96 28.62 -1.41
CA PHE C 39 11.14 28.48 -2.60
C PHE C 39 11.73 29.31 -3.74
N ASP C 40 12.18 30.51 -3.43
CA ASP C 40 12.76 31.39 -4.44
C ASP C 40 14.02 30.77 -5.05
N MET C 41 14.82 30.12 -4.22
CA MET C 41 16.02 29.44 -4.71
C MET C 41 15.68 28.28 -5.65
N ALA C 42 14.71 27.47 -5.25
CA ALA C 42 14.30 26.35 -6.11
C ALA C 42 13.74 26.88 -7.43
N ALA C 43 12.94 27.94 -7.34
CA ALA C 43 12.37 28.56 -8.54
C ALA C 43 13.46 29.05 -9.50
N GLU C 44 14.48 29.69 -8.96
CA GLU C 44 15.54 30.24 -9.81
C GLU C 44 16.37 29.14 -10.46
N LEU C 45 16.72 28.12 -9.69
CA LEU C 45 17.49 27.00 -10.23
C LEU C 45 16.73 26.27 -11.35
N LEU C 46 15.42 26.17 -11.19
CA LEU C 46 14.58 25.62 -12.25
C LEU C 46 14.65 26.49 -13.50
N MET C 47 14.57 27.80 -13.29
CA MET C 47 14.62 28.74 -14.40
C MET C 47 15.97 28.64 -15.14
N ARG C 48 17.04 28.43 -14.39
CA ARG C 48 18.37 28.29 -15.01
C ARG C 48 18.40 27.09 -15.94
N GLN C 49 17.75 26.01 -15.52
CA GLN C 49 17.68 24.80 -16.34
C GLN C 49 16.78 25.01 -17.55
N LEU C 50 15.67 25.74 -17.36
CA LEU C 50 14.78 26.06 -18.47
C LEU C 50 15.51 26.89 -19.52
N LEU C 51 16.36 27.79 -19.04
CA LEU C 51 17.15 28.65 -19.91
C LEU C 51 18.16 27.82 -20.73
N LYS C 52 18.67 26.76 -20.12
CA LYS C 52 19.62 25.90 -20.81
C LYS C 52 18.91 25.15 -21.94
N LEU C 53 17.69 24.69 -21.66
CA LEU C 53 16.88 24.01 -22.67
C LEU C 53 16.64 24.92 -23.87
N ASP C 54 16.36 26.19 -23.60
CA ASP C 54 16.13 27.17 -24.66
C ASP C 54 17.29 27.21 -25.65
N GLY C 55 18.51 27.06 -25.13
CA GLY C 55 19.70 27.15 -25.96
C GLY C 55 19.95 25.91 -26.80
N ILE C 56 19.17 24.87 -26.56
CA ILE C 56 19.33 23.61 -27.26
C ILE C 56 18.54 23.57 -28.57
N GLU C 57 19.26 23.58 -29.70
CA GLU C 57 18.62 23.45 -31.00
C GLU C 57 17.93 22.08 -31.09
N GLY C 60 15.11 16.55 -33.70
CA GLY C 60 13.90 15.83 -34.01
C GLY C 60 13.40 15.02 -32.82
N ASP C 61 14.00 13.84 -32.63
CA ASP C 61 13.67 13.01 -31.48
C ASP C 61 14.05 13.75 -30.20
N ALA C 62 15.10 14.55 -30.28
CA ALA C 62 15.55 15.34 -29.13
C ALA C 62 14.59 16.51 -28.87
N LYS C 63 13.86 16.91 -29.90
CA LYS C 63 12.88 17.98 -29.77
C LYS C 63 11.71 17.53 -28.89
N VAL C 64 11.41 16.23 -28.95
CA VAL C 64 10.34 15.66 -28.13
C VAL C 64 10.78 15.54 -26.68
N GLN C 65 12.01 15.10 -26.47
CA GLN C 65 12.57 14.99 -25.12
C GLN C 65 12.78 16.37 -24.50
N ARG C 66 13.28 17.32 -25.30
CA ARG C 66 13.48 18.68 -24.82
C ARG C 66 12.15 19.30 -24.42
N LYS C 67 11.15 19.15 -25.29
CA LYS C 67 9.84 19.71 -25.04
C LYS C 67 9.23 19.10 -23.78
N ALA C 68 9.44 17.79 -23.60
CA ALA C 68 8.94 17.09 -22.44
C ALA C 68 9.57 17.61 -21.16
N GLU C 69 10.88 17.85 -21.22
CA GLU C 69 11.61 18.36 -20.06
C GLU C 69 11.20 19.79 -19.74
N VAL C 70 10.80 20.53 -20.77
CA VAL C 70 10.28 21.88 -20.56
C VAL C 70 8.99 21.80 -19.74
N ARG C 71 8.13 20.86 -20.10
CA ARG C 71 6.87 20.67 -19.39
C ARG C 71 7.09 20.29 -17.93
N ARG C 72 8.05 19.41 -17.68
CA ARG C 72 8.35 18.99 -16.32
C ARG C 72 8.76 20.21 -15.49
N ILE C 73 9.61 21.05 -16.06
CA ILE C 73 10.07 22.24 -15.36
C ILE C 73 8.89 23.16 -15.03
N GLN C 74 7.97 23.30 -15.97
CA GLN C 74 6.78 24.11 -15.75
C GLN C 74 5.96 23.54 -14.60
N ASN C 75 5.81 22.22 -14.57
CA ASN C 75 5.09 21.55 -13.50
C ASN C 75 5.76 21.77 -12.15
N LEU C 76 7.09 21.68 -12.13
CA LEU C 76 7.84 21.94 -10.92
C LEU C 76 7.72 23.40 -10.45
N GLN C 77 7.81 24.33 -11.39
CA GLN C 77 7.66 25.74 -11.05
C GLN C 77 6.29 26.01 -10.42
N GLU C 78 5.26 25.36 -10.98
CA GLU C 78 3.90 25.51 -10.46
C GLU C 78 3.79 24.94 -9.04
N ALA C 79 4.41 23.78 -8.82
CA ALA C 79 4.41 23.15 -7.51
C ALA C 79 5.06 24.08 -6.49
N VAL C 80 6.17 24.69 -6.87
CA VAL C 80 6.87 25.60 -5.97
C VAL C 80 6.02 26.84 -5.68
N ASP C 81 5.33 27.33 -6.70
CA ASP C 81 4.44 28.48 -6.54
C ASP C 81 3.40 28.19 -5.49
N LYS C 82 2.78 27.02 -5.60
CA LYS C 82 1.72 26.64 -4.68
C LYS C 82 2.23 26.52 -3.24
N LEU C 83 3.42 25.95 -3.08
CA LEU C 83 4.02 25.83 -1.74
C LEU C 83 4.32 27.20 -1.15
N LYS C 84 4.92 28.08 -1.96
CA LYS C 84 5.23 29.42 -1.50
C LYS C 84 3.97 30.13 -1.00
N ALA C 85 2.90 30.02 -1.78
CA ALA C 85 1.62 30.65 -1.40
C ALA C 85 1.09 30.08 -0.08
N ARG C 86 1.29 28.78 0.14
CA ARG C 86 0.79 28.14 1.34
C ARG C 86 1.56 28.55 2.59
N CYS C 87 2.79 29.03 2.41
CA CYS C 87 3.63 29.44 3.52
C CYS C 87 3.67 30.95 3.64
N SER C 88 2.89 31.62 2.80
CA SER C 88 2.85 33.08 2.78
C SER C 88 1.74 33.60 3.68
N LEU D 2 6.60 -3.27 -16.39
CA LEU D 2 6.26 -4.33 -17.34
C LEU D 2 5.95 -5.63 -16.63
N ALA D 3 5.19 -6.50 -17.30
CA ALA D 3 4.86 -7.82 -16.76
C ALA D 3 6.11 -8.65 -16.51
N ILE D 4 7.09 -8.55 -17.41
CA ILE D 4 8.35 -9.27 -17.26
C ILE D 4 9.10 -8.82 -16.02
N ALA D 5 8.96 -7.55 -15.68
CA ALA D 5 9.59 -7.00 -14.48
C ALA D 5 9.00 -7.68 -13.25
N ALA D 6 7.70 -7.91 -13.27
CA ALA D 6 7.01 -8.56 -12.16
C ALA D 6 7.44 -10.02 -12.06
N VAL D 7 7.57 -10.69 -13.20
CA VAL D 7 8.06 -12.07 -13.22
C VAL D 7 9.49 -12.13 -12.68
N ASN D 8 10.32 -11.19 -13.09
CA ASN D 8 11.70 -11.13 -12.59
C ASN D 8 11.76 -10.91 -11.08
N ALA D 9 10.81 -10.15 -10.55
CA ALA D 9 10.78 -9.89 -9.11
C ALA D 9 10.49 -11.18 -8.34
N VAL D 10 9.56 -11.98 -8.86
CA VAL D 10 9.30 -13.28 -8.27
C VAL D 10 10.56 -14.13 -8.32
N THR D 11 11.21 -14.15 -9.48
CA THR D 11 12.40 -14.97 -9.68
C THR D 11 13.49 -14.61 -8.68
N GLY D 12 13.67 -13.32 -8.44
CA GLY D 12 14.67 -12.86 -7.48
C GLY D 12 14.37 -13.39 -6.09
N GLU D 13 13.09 -13.47 -5.76
CA GLU D 13 12.65 -13.99 -4.47
C GLU D 13 12.85 -15.49 -4.39
N VAL D 14 12.52 -16.19 -5.47
CA VAL D 14 12.68 -17.64 -5.51
C VAL D 14 14.16 -18.02 -5.47
N ASP D 15 15.02 -17.13 -5.98
CA ASP D 15 16.45 -17.36 -5.93
C ASP D 15 16.91 -17.51 -4.48
N LYS D 16 16.38 -16.68 -3.60
CA LYS D 16 16.71 -16.72 -2.17
C LYS D 16 16.14 -17.96 -1.50
N LEU D 17 14.92 -18.33 -1.89
CA LEU D 17 14.31 -19.53 -1.34
C LEU D 17 15.06 -20.78 -1.82
N SER D 18 15.51 -20.75 -3.07
CA SER D 18 16.32 -21.82 -3.61
C SER D 18 17.57 -22.01 -2.75
N ASP D 19 18.27 -20.93 -2.45
CA ASP D 19 19.46 -20.97 -1.60
C ASP D 19 19.12 -21.58 -0.24
N ARG D 20 17.96 -21.20 0.29
CA ARG D 20 17.50 -21.69 1.58
C ARG D 20 17.36 -23.21 1.56
N VAL D 21 16.74 -23.73 0.52
CA VAL D 21 16.50 -25.17 0.42
C VAL D 21 17.83 -25.92 0.26
N VAL D 22 18.73 -25.38 -0.55
CA VAL D 22 20.05 -26.00 -0.68
C VAL D 22 20.74 -26.05 0.68
N ALA D 23 20.68 -24.95 1.42
CA ALA D 23 21.29 -24.93 2.75
C ALA D 23 20.64 -25.94 3.69
N LEU D 24 19.32 -26.09 3.58
CA LEU D 24 18.62 -27.10 4.39
C LEU D 24 19.04 -28.52 4.00
N GLU D 25 19.21 -28.76 2.71
CA GLU D 25 19.67 -30.07 2.23
C GLU D 25 21.06 -30.37 2.78
N VAL D 26 21.93 -29.36 2.78
CA VAL D 26 23.29 -29.53 3.30
C VAL D 26 23.26 -29.84 4.80
N ALA D 27 22.41 -29.14 5.54
CA ALA D 27 22.28 -29.38 6.98
C ALA D 27 21.80 -30.79 7.27
N VAL D 28 20.69 -31.19 6.65
CA VAL D 28 20.16 -32.54 6.86
C VAL D 28 21.20 -33.61 6.49
N ASN D 29 21.86 -33.44 5.35
CA ASN D 29 22.89 -34.39 4.94
C ASN D 29 24.05 -34.47 5.94
N GLY D 30 24.30 -33.38 6.64
CA GLY D 30 25.37 -33.34 7.61
C GLY D 30 24.98 -33.97 8.94
N GLY D 31 23.72 -34.38 9.06
CA GLY D 31 23.24 -35.04 10.25
C GLY D 31 22.45 -34.12 11.17
N THR D 32 22.29 -32.87 10.77
CA THR D 32 21.52 -31.90 11.55
C THR D 32 20.05 -32.31 11.63
N GLN D 33 19.52 -32.33 12.84
CA GLN D 33 18.10 -32.63 13.04
C GLN D 33 17.30 -31.35 12.94
N VAL D 34 16.96 -30.97 11.71
CA VAL D 34 16.29 -29.69 11.44
C VAL D 34 14.83 -29.70 11.93
N ALA D 35 14.43 -28.63 12.61
CA ALA D 35 13.05 -28.52 13.09
C ALA D 35 12.07 -28.46 11.93
N VAL D 36 10.97 -29.21 12.03
CA VAL D 36 10.02 -29.31 10.94
C VAL D 36 9.48 -27.94 10.49
N ARG D 37 9.38 -27.01 11.43
CA ARG D 37 8.90 -25.67 11.11
C ARG D 37 9.77 -24.91 10.08
N GLU D 38 11.04 -25.30 9.95
CA GLU D 38 11.88 -24.69 8.93
C GLU D 38 11.42 -25.12 7.53
N PHE D 39 11.00 -26.37 7.41
CA PHE D 39 10.50 -26.88 6.13
C PHE D 39 9.13 -26.31 5.84
N ASP D 40 8.29 -26.22 6.86
CA ASP D 40 6.95 -25.68 6.69
C ASP D 40 7.00 -24.22 6.26
N MET D 41 7.94 -23.46 6.81
CA MET D 41 8.07 -22.05 6.44
C MET D 41 8.58 -21.89 5.01
N ALA D 42 9.53 -22.73 4.62
CA ALA D 42 10.02 -22.70 3.25
C ALA D 42 8.88 -23.02 2.29
N ALA D 43 8.09 -24.03 2.61
CA ALA D 43 6.95 -24.41 1.78
C ALA D 43 5.98 -23.24 1.70
N GLU D 44 5.72 -22.59 2.84
CA GLU D 44 4.79 -21.47 2.85
C GLU D 44 5.30 -20.33 1.97
N LEU D 45 6.58 -20.00 2.12
CA LEU D 45 7.12 -18.87 1.35
C LEU D 45 7.12 -19.15 -0.15
N LEU D 46 7.34 -20.40 -0.53
CA LEU D 46 7.31 -20.79 -1.94
C LEU D 46 5.89 -20.68 -2.51
N MET D 47 4.91 -21.08 -1.72
CA MET D 47 3.51 -20.95 -2.14
C MET D 47 3.09 -19.50 -2.34
N ARG D 48 3.57 -18.62 -1.47
CA ARG D 48 3.26 -17.20 -1.60
C ARG D 48 3.75 -16.69 -2.95
N GLN D 49 4.96 -17.10 -3.34
CA GLN D 49 5.53 -16.65 -4.61
C GLN D 49 4.76 -17.23 -5.79
N LEU D 50 4.37 -18.50 -5.71
CA LEU D 50 3.67 -19.15 -6.80
C LEU D 50 2.31 -18.49 -7.03
N LEU D 51 1.61 -18.22 -5.94
CA LEU D 51 0.31 -17.57 -6.00
C LEU D 51 0.45 -16.19 -6.64
N LYS D 52 1.47 -15.44 -6.20
CA LYS D 52 1.75 -14.13 -6.77
C LYS D 52 2.15 -14.20 -8.24
N LEU D 53 2.97 -15.19 -8.59
CA LEU D 53 3.42 -15.38 -9.97
C LEU D 53 2.21 -15.63 -10.87
N ASP D 54 1.33 -16.52 -10.44
CA ASP D 54 0.16 -16.92 -11.21
C ASP D 54 -0.83 -15.78 -11.40
N GLY D 55 -0.72 -14.74 -10.58
CA GLY D 55 -1.67 -13.64 -10.62
C GLY D 55 -1.23 -12.49 -11.52
N ILE D 56 -0.01 -12.58 -12.04
CA ILE D 56 0.51 -11.55 -12.92
C ILE D 56 -0.25 -11.53 -14.24
N GLU D 57 -0.75 -10.36 -14.62
CA GLU D 57 -1.44 -10.22 -15.90
C GLU D 57 -0.37 -10.14 -16.98
N ALA D 58 0.20 -11.30 -17.34
CA ALA D 58 1.34 -11.35 -18.23
C ALA D 58 1.00 -11.94 -19.59
N GLU D 59 1.68 -11.44 -20.62
CA GLU D 59 1.50 -11.93 -21.99
C GLU D 59 2.84 -12.07 -22.68
N GLY D 60 2.85 -12.74 -23.84
CA GLY D 60 4.04 -12.87 -24.65
C GLY D 60 5.21 -13.54 -23.98
N ASP D 61 6.36 -12.85 -23.97
CA ASP D 61 7.59 -13.39 -23.39
C ASP D 61 7.44 -13.58 -21.89
N ALA D 62 6.71 -12.68 -21.25
CA ALA D 62 6.46 -12.78 -19.82
C ALA D 62 5.77 -14.10 -19.49
N LYS D 63 4.79 -14.47 -20.32
CA LYS D 63 4.11 -15.74 -20.17
C LYS D 63 5.10 -16.91 -20.22
N VAL D 64 6.06 -16.81 -21.13
CA VAL D 64 7.05 -17.88 -21.30
C VAL D 64 7.92 -18.04 -20.06
N GLN D 65 8.56 -16.95 -19.65
CA GLN D 65 9.43 -16.98 -18.48
C GLN D 65 8.66 -17.42 -17.23
N ARG D 66 7.40 -17.04 -17.15
CA ARG D 66 6.57 -17.40 -15.99
C ARG D 66 6.37 -18.90 -15.91
N LYS D 67 6.12 -19.53 -17.06
CA LYS D 67 5.93 -20.98 -17.09
C LYS D 67 7.18 -21.68 -16.57
N ALA D 68 8.34 -21.14 -16.95
CA ALA D 68 9.61 -21.69 -16.51
C ALA D 68 9.80 -21.49 -15.01
N GLU D 69 9.35 -20.36 -14.50
CA GLU D 69 9.50 -20.09 -13.08
C GLU D 69 8.54 -20.93 -12.25
N VAL D 70 7.34 -21.20 -12.78
CA VAL D 70 6.40 -22.10 -12.13
C VAL D 70 7.05 -23.48 -11.92
N ARG D 71 7.67 -23.99 -12.98
CA ARG D 71 8.31 -25.29 -12.91
C ARG D 71 9.41 -25.30 -11.87
N ARG D 72 10.17 -24.21 -11.80
CA ARG D 72 11.27 -24.10 -10.85
C ARG D 72 10.77 -24.10 -9.41
N ILE D 73 9.66 -23.39 -9.17
CA ILE D 73 9.04 -23.37 -7.85
C ILE D 73 8.49 -24.75 -7.47
N GLN D 74 7.88 -25.43 -8.43
CA GLN D 74 7.35 -26.76 -8.20
C GLN D 74 8.46 -27.74 -7.83
N ASN D 75 9.61 -27.62 -8.47
CA ASN D 75 10.76 -28.46 -8.15
C ASN D 75 11.26 -28.21 -6.72
N LEU D 76 11.31 -26.94 -6.33
CA LEU D 76 11.68 -26.58 -4.96
C LEU D 76 10.67 -27.12 -3.95
N GLN D 77 9.38 -27.06 -4.30
CA GLN D 77 8.34 -27.56 -3.39
C GLN D 77 8.49 -29.05 -3.16
N GLU D 78 8.82 -29.77 -4.23
CA GLU D 78 9.06 -31.21 -4.14
C GLU D 78 10.26 -31.49 -3.25
N ALA D 79 11.30 -30.67 -3.40
CA ALA D 79 12.52 -30.85 -2.63
C ALA D 79 12.25 -30.66 -1.14
N VAL D 80 11.48 -29.62 -0.83
CA VAL D 80 11.13 -29.34 0.57
C VAL D 80 10.29 -30.46 1.16
N ASP D 81 9.33 -30.96 0.38
CA ASP D 81 8.49 -32.07 0.83
C ASP D 81 9.33 -33.29 1.18
N LYS D 82 10.30 -33.62 0.33
CA LYS D 82 11.16 -34.79 0.57
C LYS D 82 12.05 -34.57 1.80
N LEU D 83 12.54 -33.35 1.98
CA LEU D 83 13.35 -33.04 3.15
C LEU D 83 12.54 -33.17 4.43
N LYS D 84 11.30 -32.70 4.40
CA LYS D 84 10.43 -32.80 5.56
C LYS D 84 10.19 -34.27 5.91
N ALA D 85 9.94 -35.07 4.88
CA ALA D 85 9.73 -36.51 5.07
C ALA D 85 10.94 -37.17 5.73
N ARG D 86 12.14 -36.80 5.28
CA ARG D 86 13.37 -37.37 5.83
C ARG D 86 13.53 -37.05 7.31
N CYS D 87 13.03 -35.90 7.72
CA CYS D 87 13.13 -35.49 9.12
C CYS D 87 11.83 -35.75 9.86
N SER D 88 10.99 -36.59 9.26
CA SER D 88 9.65 -36.89 9.79
C SER D 88 8.86 -35.61 10.04
N ALA E 1 -23.16 -6.95 13.68
CA ALA E 1 -22.44 -7.94 14.47
C ALA E 1 -21.24 -8.48 13.69
N LEU E 2 -21.43 -9.62 13.06
CA LEU E 2 -20.39 -10.19 12.21
C LEU E 2 -20.18 -9.26 11.01
N ALA E 3 -21.27 -8.68 10.54
CA ALA E 3 -21.19 -7.69 9.46
C ALA E 3 -20.28 -6.54 9.87
N ILE E 4 -20.49 -6.03 11.09
CA ILE E 4 -19.64 -4.99 11.64
C ILE E 4 -18.18 -5.39 11.58
N ALA E 5 -17.88 -6.61 12.03
CA ALA E 5 -16.52 -7.12 11.99
C ALA E 5 -15.95 -7.10 10.58
N ALA E 6 -16.76 -7.54 9.62
CA ALA E 6 -16.33 -7.61 8.23
C ALA E 6 -15.94 -6.24 7.69
N VAL E 7 -16.73 -5.23 8.02
CA VAL E 7 -16.43 -3.87 7.57
C VAL E 7 -15.15 -3.37 8.23
N ASN E 8 -14.96 -3.72 9.51
CA ASN E 8 -13.73 -3.36 10.22
C ASN E 8 -12.48 -3.87 9.49
N ALA E 9 -12.50 -5.14 9.11
CA ALA E 9 -11.37 -5.74 8.39
C ALA E 9 -11.02 -4.95 7.12
N VAL E 10 -12.03 -4.65 6.31
CA VAL E 10 -11.81 -3.91 5.07
C VAL E 10 -11.31 -2.50 5.35
N THR E 11 -11.83 -1.89 6.41
CA THR E 11 -11.43 -0.54 6.80
C THR E 11 -9.94 -0.49 7.06
N GLY E 12 -9.40 -1.56 7.66
CA GLY E 12 -7.98 -1.64 7.91
C GLY E 12 -7.19 -1.59 6.61
N GLU E 13 -7.67 -2.27 5.58
CA GLU E 13 -7.00 -2.27 4.30
C GLU E 13 -7.11 -0.93 3.58
N VAL E 14 -8.25 -0.28 3.74
CA VAL E 14 -8.45 1.04 3.17
C VAL E 14 -7.50 2.06 3.81
N ASP E 15 -7.26 1.92 5.12
CA ASP E 15 -6.31 2.79 5.80
C ASP E 15 -4.95 2.79 5.09
N LYS E 16 -4.48 1.60 4.73
CA LYS E 16 -3.18 1.47 4.07
C LYS E 16 -3.22 2.08 2.67
N LEU E 17 -4.32 1.86 1.97
CA LEU E 17 -4.47 2.37 0.61
C LEU E 17 -4.58 3.89 0.62
N SER E 18 -5.19 4.43 1.67
CA SER E 18 -5.28 5.88 1.83
C SER E 18 -3.88 6.48 1.94
N ASP E 19 -3.02 5.86 2.75
CA ASP E 19 -1.63 6.28 2.86
C ASP E 19 -0.92 6.24 1.51
N ARG E 20 -1.20 5.19 0.72
CA ARG E 20 -0.62 5.07 -0.61
C ARG E 20 -1.07 6.21 -1.52
N VAL E 21 -2.36 6.54 -1.45
CA VAL E 21 -2.92 7.62 -2.27
C VAL E 21 -2.30 8.97 -1.88
N VAL E 22 -2.16 9.22 -0.59
CA VAL E 22 -1.53 10.45 -0.13
C VAL E 22 -0.09 10.56 -0.65
N ALA E 23 0.63 9.44 -0.69
CA ALA E 23 2.01 9.45 -1.21
C ALA E 23 2.02 9.75 -2.71
N LEU E 24 1.01 9.27 -3.43
CA LEU E 24 0.86 9.61 -4.84
C LEU E 24 0.55 11.10 -4.98
N GLU E 25 -0.30 11.62 -4.09
CA GLU E 25 -0.63 13.05 -4.09
C GLU E 25 0.61 13.91 -3.86
N VAL E 26 1.42 13.52 -2.88
CA VAL E 26 2.67 14.22 -2.60
C VAL E 26 3.55 14.25 -3.84
N ALA E 27 3.72 13.11 -4.49
CA ALA E 27 4.56 13.05 -5.68
C ALA E 27 4.05 14.00 -6.76
N VAL E 28 2.77 13.87 -7.14
CA VAL E 28 2.22 14.67 -8.22
C VAL E 28 2.18 16.16 -7.91
N ASN E 29 1.71 16.52 -6.71
CA ASN E 29 1.67 17.91 -6.29
C ASN E 29 3.07 18.49 -6.13
N GLY E 30 4.05 17.61 -5.99
CA GLY E 30 5.45 18.03 -5.90
C GLY E 30 6.09 18.16 -7.27
N GLY E 31 5.32 17.96 -8.31
CA GLY E 31 5.80 18.12 -9.68
C GLY E 31 6.37 16.87 -10.32
N THR E 32 6.13 15.71 -9.72
CA THR E 32 6.60 14.45 -10.28
C THR E 32 5.55 13.81 -11.16
N GLN E 33 5.92 13.45 -12.39
CA GLN E 33 5.00 12.76 -13.28
C GLN E 33 5.03 11.25 -13.01
N VAL E 34 4.16 10.82 -12.10
CA VAL E 34 4.09 9.43 -11.72
C VAL E 34 3.60 8.57 -12.88
N ALA E 35 4.18 7.38 -13.05
CA ALA E 35 3.79 6.47 -14.11
C ALA E 35 2.35 5.97 -13.95
N VAL E 36 1.66 5.75 -15.06
CA VAL E 36 0.25 5.38 -15.03
C VAL E 36 -0.01 4.07 -14.28
N ARG E 37 0.94 3.15 -14.33
CA ARG E 37 0.80 1.87 -13.63
C ARG E 37 0.49 2.07 -12.15
N GLU E 38 1.17 3.04 -11.53
CA GLU E 38 0.96 3.33 -10.12
C GLU E 38 -0.48 3.72 -9.81
N PHE E 39 -1.07 4.55 -10.66
CA PHE E 39 -2.46 4.95 -10.45
C PHE E 39 -3.41 3.78 -10.70
N ASP E 40 -3.13 3.00 -11.74
CA ASP E 40 -4.00 1.87 -12.05
C ASP E 40 -3.95 0.80 -10.96
N MET E 41 -2.77 0.56 -10.40
CA MET E 41 -2.65 -0.42 -9.32
C MET E 41 -3.38 0.05 -8.08
N ALA E 42 -3.27 1.34 -7.77
CA ALA E 42 -3.99 1.91 -6.64
C ALA E 42 -5.49 1.81 -6.85
N ALA E 43 -5.94 2.21 -8.04
CA ALA E 43 -7.37 2.20 -8.35
C ALA E 43 -7.94 0.78 -8.30
N GLU E 44 -7.17 -0.17 -8.81
CA GLU E 44 -7.61 -1.56 -8.88
C GLU E 44 -7.73 -2.18 -7.49
N LEU E 45 -6.74 -1.90 -6.63
CA LEU E 45 -6.80 -2.39 -5.25
C LEU E 45 -7.97 -1.78 -4.50
N LEU E 46 -8.25 -0.50 -4.74
CA LEU E 46 -9.43 0.14 -4.18
C LEU E 46 -10.71 -0.56 -4.64
N MET E 47 -10.76 -0.95 -5.92
CA MET E 47 -11.92 -1.65 -6.45
C MET E 47 -12.14 -2.99 -5.73
N ARG E 48 -11.05 -3.67 -5.40
CA ARG E 48 -11.18 -4.95 -4.69
C ARG E 48 -11.83 -4.76 -3.32
N GLN E 49 -11.54 -3.63 -2.69
CA GLN E 49 -12.14 -3.33 -1.38
C GLN E 49 -13.64 -3.09 -1.51
N LEU E 50 -14.05 -2.41 -2.58
CA LEU E 50 -15.47 -2.22 -2.87
C LEU E 50 -16.18 -3.55 -3.04
N LEU E 51 -15.58 -4.45 -3.82
CA LEU E 51 -16.12 -5.79 -4.01
C LEU E 51 -16.38 -6.51 -2.68
N LYS E 52 -15.44 -6.36 -1.74
CA LYS E 52 -15.59 -7.00 -0.43
C LYS E 52 -16.78 -6.43 0.32
N LEU E 53 -16.86 -5.10 0.38
CA LEU E 53 -17.96 -4.43 1.07
C LEU E 53 -19.30 -4.79 0.42
N ASP E 54 -19.32 -4.83 -0.91
CA ASP E 54 -20.53 -5.19 -1.66
C ASP E 54 -21.04 -6.57 -1.26
N GLY E 55 -20.13 -7.45 -0.87
CA GLY E 55 -20.49 -8.83 -0.56
C GLY E 55 -20.95 -9.03 0.87
N ILE E 56 -20.91 -7.97 1.66
CA ILE E 56 -21.31 -8.07 3.06
C ILE E 56 -22.80 -7.83 3.24
N GLU E 57 -23.48 -8.78 3.88
CA GLU E 57 -24.88 -8.61 4.24
C GLU E 57 -24.98 -7.70 5.47
N ALA E 58 -25.37 -6.45 5.25
CA ALA E 58 -25.38 -5.47 6.32
C ALA E 58 -26.76 -4.87 6.57
N GLU E 59 -27.11 -4.76 7.85
CA GLU E 59 -28.35 -4.11 8.27
C GLU E 59 -28.09 -3.21 9.47
N GLY E 60 -28.94 -2.19 9.63
CA GLY E 60 -28.80 -1.26 10.74
C GLY E 60 -27.44 -0.59 10.78
N ASP E 61 -26.82 -0.56 11.96
CA ASP E 61 -25.52 0.09 12.15
C ASP E 61 -24.49 -0.38 11.13
N ALA E 62 -24.45 -1.68 10.89
CA ALA E 62 -23.47 -2.25 9.97
C ALA E 62 -23.65 -1.69 8.56
N LYS E 63 -24.90 -1.50 8.16
CA LYS E 63 -25.19 -0.93 6.85
C LYS E 63 -24.67 0.51 6.78
N VAL E 64 -24.90 1.26 7.84
CA VAL E 64 -24.43 2.63 7.93
C VAL E 64 -22.91 2.67 7.84
N GLN E 65 -22.26 1.77 8.57
CA GLN E 65 -20.81 1.72 8.60
C GLN E 65 -20.23 1.38 7.23
N ARG E 66 -20.84 0.40 6.57
CA ARG E 66 -20.43 0.01 5.22
C ARG E 66 -20.56 1.16 4.22
N LYS E 67 -21.68 1.87 4.28
CA LYS E 67 -21.91 2.99 3.37
C LYS E 67 -20.84 4.07 3.52
N ALA E 68 -20.50 4.39 4.77
CA ALA E 68 -19.46 5.38 5.03
C ALA E 68 -18.11 4.94 4.48
N GLU E 69 -17.82 3.65 4.59
CA GLU E 69 -16.54 3.15 4.11
C GLU E 69 -16.49 3.15 2.58
N VAL E 70 -17.63 2.82 1.95
CA VAL E 70 -17.74 2.92 0.50
C VAL E 70 -17.51 4.36 0.06
N ARG E 71 -18.09 5.31 0.79
CA ARG E 71 -17.90 6.73 0.49
C ARG E 71 -16.42 7.10 0.62
N ARG E 72 -15.77 6.57 1.64
CA ARG E 72 -14.36 6.84 1.89
C ARG E 72 -13.53 6.38 0.70
N ILE E 73 -13.86 5.22 0.16
CA ILE E 73 -13.12 4.65 -0.96
C ILE E 73 -13.38 5.43 -2.24
N GLN E 74 -14.62 5.83 -2.44
CA GLN E 74 -14.97 6.60 -3.63
C GLN E 74 -14.20 7.92 -3.68
N ASN E 75 -14.00 8.54 -2.52
CA ASN E 75 -13.21 9.76 -2.45
C ASN E 75 -11.76 9.51 -2.82
N LEU E 76 -11.23 8.36 -2.40
CA LEU E 76 -9.86 7.99 -2.76
C LEU E 76 -9.78 7.69 -4.26
N GLN E 77 -10.80 6.99 -4.77
CA GLN E 77 -10.87 6.68 -6.20
C GLN E 77 -10.87 7.96 -7.03
N GLU E 78 -11.64 8.93 -6.58
CA GLU E 78 -11.75 10.19 -7.29
C GLU E 78 -10.42 10.94 -7.28
N ALA E 79 -9.72 10.89 -6.15
CA ALA E 79 -8.42 11.53 -6.05
C ALA E 79 -7.42 10.91 -7.03
N VAL E 80 -7.39 9.58 -7.06
CA VAL E 80 -6.49 8.86 -7.98
C VAL E 80 -6.83 9.19 -9.43
N ASP E 81 -8.13 9.20 -9.75
CA ASP E 81 -8.57 9.60 -11.08
C ASP E 81 -8.00 10.96 -11.48
N LYS E 82 -8.15 11.94 -10.60
CA LYS E 82 -7.66 13.29 -10.87
C LYS E 82 -6.14 13.31 -11.07
N LEU E 83 -5.43 12.55 -10.25
CA LEU E 83 -3.97 12.51 -10.35
C LEU E 83 -3.53 11.90 -11.67
N LYS E 84 -4.19 10.81 -12.08
CA LYS E 84 -3.84 10.15 -13.32
C LYS E 84 -4.01 11.10 -14.50
N ALA E 85 -5.15 11.79 -14.53
CA ALA E 85 -5.43 12.76 -15.58
C ALA E 85 -4.32 13.80 -15.67
N ARG E 86 -3.88 14.28 -14.51
CA ARG E 86 -2.84 15.30 -14.45
C ARG E 86 -1.51 14.83 -15.01
N CYS E 87 -1.28 13.52 -14.97
CA CYS E 87 -0.01 12.96 -15.42
C CYS E 87 -0.14 12.31 -16.80
N SER E 88 -1.28 12.54 -17.46
CA SER E 88 -1.53 11.93 -18.76
C SER E 88 -0.82 12.65 -19.89
C1 MLA F . 0.49 -13.84 -0.63
O1A MLA F . 1.30 -13.77 0.32
O1B MLA F . -0.74 -14.06 -0.50
C2 MLA F . 1.03 -13.65 -2.05
C3 MLA F . -0.08 -13.21 -3.00
O3A MLA F . -1.18 -13.78 -2.90
O3B MLA F . 0.18 -12.30 -3.81
C ACT G . -12.07 -9.58 4.17
O ACT G . -12.62 -9.80 5.28
OXT ACT G . -10.96 -9.02 4.22
CH3 ACT G . -12.73 -9.95 2.88
C1 GOL H . 5.61 22.95 15.80
O1 GOL H . 6.17 24.05 16.47
C2 GOL H . 4.75 23.43 14.63
O2 GOL H . 5.43 24.46 13.94
C3 GOL H . 4.48 22.26 13.69
O3 GOL H . 3.42 22.59 12.83
C1 MLA I . 13.57 20.55 3.58
O1A MLA I . 14.36 19.78 2.98
O1B MLA I . 12.67 20.19 4.36
C2 MLA I . 13.73 22.04 3.31
C3 MLA I . 13.39 22.87 4.56
O3A MLA I . 12.76 22.31 5.47
O3B MLA I . 13.76 24.06 4.57
C ACT J . -0.41 22.25 6.66
O ACT J . -0.71 22.41 5.45
OXT ACT J . -0.53 21.08 7.11
CH3 ACT J . 0.09 23.37 7.51
C ACT K . 3.35 -29.07 -2.42
O ACT K . 2.92 -28.14 -3.13
OXT ACT K . 4.00 -29.95 -3.01
CH3 ACT K . 3.07 -29.14 -0.95
C ACT L . -0.68 -4.90 8.98
O ACT L . -0.20 -4.59 7.86
OXT ACT L . 0.11 -5.39 9.80
CH3 ACT L . -2.13 -4.67 9.32
#